data_5FAI
#
_entry.id   5FAI
#
_cell.length_a   86.118
_cell.length_b   86.118
_cell.length_c   125.178
_cell.angle_alpha   90.000
_cell.angle_beta   90.000
_cell.angle_gamma   120.000
#
_symmetry.space_group_name_H-M   'P 65 2 2'
#
loop_
_entity.id
_entity.type
_entity.pdbx_description
1 polymer 'Ribosomal RNA small subunit methyltransferase NEP1'
2 non-polymer S-ADENOSYL-L-HOMOCYSTEINE
3 non-polymer 'CITRIC ACID'
4 non-polymer 'UNKNOWN ATOM OR ION'
5 water water
#
_entity_poly.entity_id   1
_entity_poly.type   'polypeptide(L)'
_entity_poly.pdbx_seq_one_letter_code
;GSGGEQAQDWDALPPKRPRLGAGNKIGGRRLIVVLEGASLETVKVGKTYELLNCDKHKSILLKNGRDPGEARPDITHQSL
LMLMDSPLNRAGLLQVYIHTQKNVLIEVNPQTRIPRTFDRFCGLMVQLLHKLSVRAADGPQKLLKVIKNPVSDHFPVGCM
KVGTSFSIPVVSDVRELVPSSDPIVFVVGAFAHGKVSVEYTEKMVSISNYPLSAALTCAKLTTAFEEVWGVI
;
_entity_poly.pdbx_strand_id   A
#
# COMPACT_ATOMS: atom_id res chain seq x y z
N ASN A 24 0.52 26.59 -13.67
CA ASN A 24 0.27 25.12 -13.51
C ASN A 24 -0.54 24.82 -12.23
N LYS A 25 -1.87 24.91 -12.36
CA LYS A 25 -2.82 24.62 -11.27
C LYS A 25 -2.96 23.11 -10.94
N ILE A 26 -2.69 22.23 -11.90
CA ILE A 26 -2.60 20.76 -11.65
C ILE A 26 -1.24 20.40 -11.01
N GLY A 27 -0.18 20.98 -11.58
N GLY A 27 -0.16 20.90 -11.61
CA GLY A 27 1.17 20.74 -11.14
CA GLY A 27 1.12 21.09 -10.89
C GLY A 27 1.52 19.29 -11.25
C GLY A 27 1.80 19.88 -10.26
N GLY A 28 2.20 18.79 -10.24
N GLY A 28 1.62 18.69 -10.84
CA GLY A 28 2.44 17.38 -10.14
CA GLY A 28 2.29 17.49 -10.32
C GLY A 28 1.57 16.75 -9.08
C GLY A 28 1.57 16.83 -9.15
N ARG A 29 0.30 17.17 -8.99
CA ARG A 29 -0.53 16.61 -7.94
C ARG A 29 -0.80 15.12 -8.15
N ARG A 30 -0.73 14.38 -7.06
N ARG A 30 -0.83 14.39 -7.04
CA ARG A 30 -1.19 13.01 -7.00
CA ARG A 30 -0.78 12.93 -7.03
C ARG A 30 -0.99 12.55 -5.60
C ARG A 30 -0.88 12.51 -5.57
N LEU A 31 -1.69 11.49 -5.26
CA LEU A 31 -1.66 10.90 -3.93
C LEU A 31 -0.74 9.71 -4.03
N ILE A 32 0.21 9.63 -3.12
CA ILE A 32 1.11 8.49 -3.02
C ILE A 32 0.78 7.77 -1.72
N VAL A 33 0.37 6.51 -1.80
CA VAL A 33 0.09 5.72 -0.60
C VAL A 33 1.15 4.67 -0.44
N VAL A 34 1.77 4.66 0.76
CA VAL A 34 2.66 3.58 1.16
C VAL A 34 1.93 2.67 2.14
N LEU A 35 1.79 1.40 1.77
CA LEU A 35 1.34 0.37 2.68
C LEU A 35 2.54 -0.15 3.46
N GLU A 36 2.60 0.24 4.72
CA GLU A 36 3.79 0.08 5.55
C GLU A 36 3.64 -1.14 6.44
N GLY A 37 4.68 -1.97 6.49
CA GLY A 37 4.67 -3.14 7.36
C GLY A 37 3.74 -4.22 6.85
N ALA A 38 3.62 -4.30 5.53
CA ALA A 38 2.81 -5.32 4.90
C ALA A 38 3.37 -6.71 5.20
N SER A 39 2.45 -7.64 5.47
CA SER A 39 2.78 -8.99 5.83
C SER A 39 2.82 -9.86 4.57
N LEU A 40 3.91 -9.73 3.81
CA LEU A 40 4.10 -10.46 2.58
C LEU A 40 5.46 -11.11 2.56
N GLU A 41 5.50 -12.42 2.66
CA GLU A 41 6.76 -13.14 2.60
C GLU A 41 6.52 -14.61 2.31
N THR A 42 7.52 -15.23 1.73
CA THR A 42 7.43 -16.60 1.27
C THR A 42 8.08 -17.54 2.30
N VAL A 43 7.47 -18.70 2.47
CA VAL A 43 8.06 -19.82 3.25
C VAL A 43 8.06 -21.09 2.40
N LYS A 44 9.03 -21.96 2.67
CA LYS A 44 9.09 -23.29 2.03
C LYS A 44 8.41 -24.30 2.92
N VAL A 45 7.40 -24.98 2.38
CA VAL A 45 6.80 -26.14 3.04
C VAL A 45 6.91 -27.34 2.07
N GLY A 46 7.62 -28.39 2.52
CA GLY A 46 8.03 -29.46 1.63
C GLY A 46 8.87 -28.94 0.47
N LYS A 47 8.44 -29.23 -0.75
CA LYS A 47 9.12 -28.74 -1.94
C LYS A 47 8.44 -27.49 -2.52
N THR A 48 7.37 -27.02 -1.87
CA THR A 48 6.53 -25.94 -2.41
C THR A 48 6.68 -24.64 -1.60
N TYR A 49 6.77 -23.54 -2.32
CA TYR A 49 6.86 -22.21 -1.74
C TYR A 49 5.48 -21.59 -1.67
N GLU A 50 5.13 -21.04 -0.52
CA GLU A 50 3.80 -20.46 -0.30
C GLU A 50 3.95 -19.13 0.38
N LEU A 51 2.97 -18.27 0.24
CA LEU A 51 2.97 -17.03 0.98
C LEU A 51 2.58 -17.31 2.43
N LEU A 52 3.37 -16.75 3.35
CA LEU A 52 3.14 -16.93 4.78
C LEU A 52 1.75 -16.40 5.20
N ASN A 53 1.11 -17.16 6.09
N ASN A 53 1.10 -17.16 6.07
CA ASN A 53 -0.30 -17.06 6.33
CA ASN A 53 -0.33 -17.04 6.32
C ASN A 53 -0.56 -17.68 7.70
C ASN A 53 -0.60 -17.68 7.68
N CYS A 54 -1.10 -16.90 8.62
CA CYS A 54 -1.30 -17.38 10.00
C CYS A 54 -2.32 -18.55 10.16
N ASP A 55 -3.12 -18.83 9.12
CA ASP A 55 -4.00 -20.04 9.11
C ASP A 55 -3.34 -21.30 8.64
N LYS A 56 -2.25 -21.21 7.87
CA LYS A 56 -1.58 -22.39 7.35
C LYS A 56 -0.29 -22.70 8.13
N HIS A 57 0.33 -21.67 8.71
CA HIS A 57 1.76 -21.72 9.06
C HIS A 57 2.10 -21.39 10.55
N LYS A 58 1.14 -21.47 11.45
CA LYS A 58 1.42 -21.18 12.88
C LYS A 58 2.48 -22.12 13.50
N SER A 59 2.63 -23.33 12.96
CA SER A 59 3.57 -24.32 13.51
C SER A 59 4.99 -24.34 12.88
N ILE A 60 5.26 -23.45 11.95
CA ILE A 60 6.64 -23.31 11.47
C ILE A 60 7.39 -22.23 12.26
N LEU A 61 8.71 -22.19 12.07
CA LEU A 61 9.56 -21.22 12.74
C LEU A 61 10.13 -20.26 11.71
N LEU A 62 10.26 -19.00 12.10
CA LEU A 62 10.82 -17.97 11.24
C LEU A 62 12.18 -17.48 11.77
N LYS A 63 13.02 -17.01 10.87
CA LYS A 63 14.24 -16.27 11.22
C LYS A 63 13.93 -15.06 12.07
N ASN A 64 14.91 -14.65 12.87
CA ASN A 64 14.83 -13.44 13.68
C ASN A 64 13.71 -13.42 14.70
N GLY A 65 13.29 -14.61 15.14
CA GLY A 65 12.27 -14.73 16.16
C GLY A 65 10.90 -14.20 15.79
N ARG A 66 10.61 -14.09 14.51
CA ARG A 66 9.34 -13.47 14.10
C ARG A 66 8.19 -14.48 14.23
N ASP A 67 6.98 -13.94 14.38
CA ASP A 67 5.83 -14.69 14.80
C ASP A 67 4.96 -14.97 13.58
N PRO A 68 4.88 -16.24 13.15
CA PRO A 68 4.02 -16.55 12.00
C PRO A 68 2.53 -16.33 12.28
N GLY A 69 2.15 -16.28 13.55
CA GLY A 69 0.76 -16.02 13.93
C GLY A 69 0.30 -14.61 13.59
N GLU A 70 1.24 -13.71 13.32
CA GLU A 70 0.95 -12.32 12.90
C GLU A 70 0.88 -12.16 11.36
N ALA A 71 1.08 -13.23 10.61
CA ALA A 71 1.09 -13.15 9.14
C ALA A 71 -0.32 -12.97 8.55
N ARG A 72 -0.61 -11.76 8.10
CA ARG A 72 -1.93 -11.37 7.63
C ARG A 72 -1.82 -10.69 6.25
N PRO A 73 -1.42 -11.44 5.22
CA PRO A 73 -1.38 -10.89 3.86
C PRO A 73 -2.75 -10.42 3.32
N ASP A 74 -3.84 -10.93 3.89
CA ASP A 74 -5.20 -10.48 3.53
C ASP A 74 -5.40 -8.97 3.72
N ILE A 75 -4.72 -8.37 4.70
CA ILE A 75 -4.83 -6.94 4.93
C ILE A 75 -4.30 -6.13 3.72
N THR A 76 -3.16 -6.54 3.20
CA THR A 76 -2.58 -5.92 2.01
C THR A 76 -3.46 -6.18 0.77
N HIS A 77 -3.93 -7.41 0.63
CA HIS A 77 -4.83 -7.79 -0.48
C HIS A 77 -6.04 -6.85 -0.51
N GLN A 78 -6.74 -6.74 0.61
N GLN A 78 -6.75 -6.78 0.62
CA GLN A 78 -7.97 -5.96 0.65
CA GLN A 78 -7.96 -5.97 0.78
C GLN A 78 -7.73 -4.45 0.52
C GLN A 78 -7.69 -4.49 0.48
N SER A 79 -6.59 -3.98 1.02
CA SER A 79 -6.22 -2.58 0.85
C SER A 79 -5.90 -2.25 -0.60
N LEU A 80 -5.14 -3.13 -1.26
CA LEU A 80 -4.81 -2.94 -2.67
C LEU A 80 -6.06 -2.95 -3.54
N LEU A 81 -7.02 -3.80 -3.22
CA LEU A 81 -8.30 -3.81 -3.98
C LEU A 81 -9.01 -2.46 -3.93
N MET A 82 -9.09 -1.86 -2.75
CA MET A 82 -9.68 -0.52 -2.61
C MET A 82 -8.89 0.54 -3.33
N LEU A 83 -7.57 0.54 -3.17
CA LEU A 83 -6.73 1.52 -3.82
C LEU A 83 -6.82 1.44 -5.34
N MET A 84 -6.66 0.24 -5.89
CA MET A 84 -6.56 0.11 -7.34
C MET A 84 -7.92 0.29 -8.06
N ASP A 85 -9.02 -0.05 -7.37
N ASP A 85 -9.01 -0.04 -7.38
CA ASP A 85 -10.41 0.19 -7.89
CA ASP A 85 -10.34 0.15 -7.97
C ASP A 85 -10.82 1.66 -7.90
C ASP A 85 -10.90 1.58 -7.76
N SER A 86 -10.14 2.46 -7.09
CA SER A 86 -10.57 3.82 -6.82
C SER A 86 -10.66 4.65 -8.11
N PRO A 87 -11.70 5.50 -8.21
CA PRO A 87 -11.68 6.50 -9.28
C PRO A 87 -10.36 7.30 -9.32
N LEU A 88 -9.79 7.60 -8.15
CA LEU A 88 -8.50 8.32 -8.08
C LEU A 88 -7.42 7.59 -8.89
N ASN A 89 -7.34 6.28 -8.72
CA ASN A 89 -6.40 5.50 -9.52
C ASN A 89 -6.71 5.53 -11.02
N ARG A 90 -7.96 5.38 -11.41
N ARG A 90 -8.00 5.37 -11.35
CA ARG A 90 -8.29 5.30 -12.83
CA ARG A 90 -8.48 5.34 -12.73
C ARG A 90 -8.32 6.66 -13.51
C ARG A 90 -8.20 6.64 -13.46
N ALA A 91 -8.27 7.75 -12.71
CA ALA A 91 -8.04 9.09 -13.22
C ALA A 91 -6.53 9.42 -13.36
N GLY A 92 -5.67 8.55 -12.84
CA GLY A 92 -4.22 8.70 -12.97
C GLY A 92 -3.61 9.52 -11.85
N LEU A 93 -4.29 9.61 -10.70
CA LEU A 93 -3.86 10.47 -9.61
C LEU A 93 -3.35 9.71 -8.37
N LEU A 94 -3.06 8.42 -8.53
CA LEU A 94 -2.64 7.58 -7.42
C LEU A 94 -1.38 6.80 -7.78
N GLN A 95 -0.45 6.76 -6.84
CA GLN A 95 0.69 5.84 -6.89
C GLN A 95 0.75 5.06 -5.57
N VAL A 96 1.02 3.76 -5.67
CA VAL A 96 1.08 2.89 -4.50
C VAL A 96 2.45 2.20 -4.38
N TYR A 97 2.99 2.18 -3.17
CA TYR A 97 4.16 1.38 -2.83
C TYR A 97 3.78 0.46 -1.70
N ILE A 98 4.43 -0.71 -1.64
CA ILE A 98 4.26 -1.64 -0.51
C ILE A 98 5.62 -1.86 0.12
N HIS A 99 5.71 -1.65 1.43
CA HIS A 99 6.96 -1.86 2.17
C HIS A 99 6.73 -2.98 3.18
N THR A 100 7.34 -4.13 2.93
CA THR A 100 7.05 -5.34 3.72
C THR A 100 7.78 -5.32 5.04
N GLN A 101 7.35 -6.20 5.92
CA GLN A 101 8.01 -6.37 7.22
C GLN A 101 9.44 -6.91 7.09
N LYS A 102 9.75 -7.55 5.97
CA LYS A 102 11.13 -7.97 5.68
C LYS A 102 11.94 -6.89 4.92
N ASN A 103 11.46 -5.65 4.94
CA ASN A 103 12.14 -4.52 4.30
C ASN A 103 12.27 -4.65 2.78
N VAL A 104 11.27 -5.28 2.15
CA VAL A 104 11.21 -5.34 0.68
C VAL A 104 10.28 -4.22 0.22
N LEU A 105 10.75 -3.41 -0.72
CA LEU A 105 9.97 -2.30 -1.25
C LEU A 105 9.47 -2.69 -2.63
N ILE A 106 8.15 -2.56 -2.82
CA ILE A 106 7.49 -2.95 -4.04
C ILE A 106 6.78 -1.76 -4.64
N GLU A 107 7.02 -1.51 -5.93
CA GLU A 107 6.27 -0.49 -6.67
C GLU A 107 5.16 -1.16 -7.47
N VAL A 108 3.95 -0.60 -7.37
CA VAL A 108 2.79 -1.11 -8.08
C VAL A 108 2.51 -0.18 -9.28
N ASN A 109 2.52 -0.75 -10.49
CA ASN A 109 2.10 -0.03 -11.67
C ASN A 109 0.61 0.33 -11.52
N PRO A 110 0.22 1.59 -11.80
CA PRO A 110 -1.21 1.98 -11.78
C PRO A 110 -2.15 1.13 -12.64
N GLN A 111 -1.60 0.47 -13.66
CA GLN A 111 -2.37 -0.45 -14.53
C GLN A 111 -2.64 -1.83 -13.93
N THR A 112 -2.10 -2.12 -12.76
CA THR A 112 -2.22 -3.45 -12.21
C THR A 112 -3.61 -3.73 -11.67
N ARG A 113 -4.23 -4.79 -12.19
CA ARG A 113 -5.48 -5.29 -11.64
C ARG A 113 -5.14 -6.34 -10.61
N ILE A 114 -5.42 -6.02 -9.36
CA ILE A 114 -5.17 -6.94 -8.26
C ILE A 114 -6.24 -8.02 -8.33
N PRO A 115 -5.85 -9.31 -8.30
CA PRO A 115 -6.86 -10.37 -8.30
C PRO A 115 -7.78 -10.27 -7.10
N ARG A 116 -9.06 -10.53 -7.33
CA ARG A 116 -10.06 -10.44 -6.26
CA ARG A 116 -10.07 -10.45 -6.25
C ARG A 116 -9.97 -11.69 -5.36
N THR A 117 -9.47 -12.79 -5.94
CA THR A 117 -9.30 -14.07 -5.26
C THR A 117 -8.03 -14.04 -4.41
N PHE A 118 -8.19 -14.22 -3.10
CA PHE A 118 -7.04 -14.23 -2.17
C PHE A 118 -5.94 -15.22 -2.56
N ASP A 119 -6.30 -16.47 -2.88
CA ASP A 119 -5.29 -17.47 -3.25
C ASP A 119 -4.46 -17.04 -4.48
N ARG A 120 -5.13 -16.41 -5.46
N ARG A 120 -5.11 -16.41 -5.46
CA ARG A 120 -4.47 -15.94 -6.67
CA ARG A 120 -4.42 -15.95 -6.67
C ARG A 120 -3.52 -14.76 -6.34
C ARG A 120 -3.49 -14.76 -6.33
N PHE A 121 -3.99 -13.85 -5.49
CA PHE A 121 -3.16 -12.77 -4.96
C PHE A 121 -1.88 -13.32 -4.31
N CYS A 122 -2.02 -14.35 -3.47
CA CYS A 122 -0.86 -14.92 -2.79
C CYS A 122 0.16 -15.51 -3.78
N GLY A 123 -0.33 -16.22 -4.79
CA GLY A 123 0.55 -16.80 -5.80
C GLY A 123 1.29 -15.75 -6.59
N LEU A 124 0.60 -14.64 -6.87
CA LEU A 124 1.21 -13.53 -7.54
C LEU A 124 2.36 -12.90 -6.70
N MET A 125 2.15 -12.80 -5.39
CA MET A 125 3.16 -12.23 -4.50
C MET A 125 4.36 -13.16 -4.34
N VAL A 126 4.12 -14.47 -4.32
CA VAL A 126 5.23 -15.45 -4.33
C VAL A 126 6.10 -15.24 -5.57
N GLN A 127 5.46 -15.10 -6.73
CA GLN A 127 6.19 -14.89 -7.98
CA GLN A 127 6.17 -14.89 -7.99
C GLN A 127 6.98 -13.60 -7.92
N LEU A 128 6.34 -12.53 -7.45
CA LEU A 128 7.01 -11.25 -7.32
C LEU A 128 8.26 -11.32 -6.41
N LEU A 129 8.09 -11.90 -5.22
CA LEU A 129 9.19 -11.94 -4.26
C LEU A 129 10.35 -12.83 -4.74
N HIS A 130 10.03 -13.86 -5.54
CA HIS A 130 11.06 -14.73 -6.13
C HIS A 130 11.78 -14.09 -7.34
N LYS A 131 11.01 -13.68 -8.34
CA LYS A 131 11.59 -13.17 -9.60
C LYS A 131 11.99 -11.69 -9.55
N LEU A 132 11.43 -10.96 -8.56
CA LEU A 132 11.67 -9.51 -8.31
C LEU A 132 10.81 -8.56 -9.18
N SER A 133 10.08 -9.14 -10.12
CA SER A 133 9.08 -8.39 -10.86
C SER A 133 8.05 -9.36 -11.41
N VAL A 134 6.90 -8.81 -11.79
CA VAL A 134 5.92 -9.50 -12.59
C VAL A 134 5.58 -8.61 -13.77
N ARG A 135 5.75 -9.16 -14.98
CA ARG A 135 5.41 -8.47 -16.22
C ARG A 135 3.98 -8.78 -16.65
N ALA A 136 3.39 -7.86 -17.38
CA ALA A 136 2.15 -8.16 -18.11
C ALA A 136 2.38 -9.36 -19.04
N ALA A 137 1.35 -10.19 -19.21
CA ALA A 137 1.44 -11.33 -20.11
C ALA A 137 1.24 -10.87 -21.57
N ASP A 138 0.71 -9.66 -21.77
CA ASP A 138 0.44 -9.13 -23.10
C ASP A 138 1.30 -7.93 -23.46
N GLY A 139 2.40 -7.75 -22.75
CA GLY A 139 3.37 -6.70 -23.08
C GLY A 139 4.62 -6.81 -22.23
N PRO A 140 5.66 -6.00 -22.53
CA PRO A 140 6.91 -6.07 -21.79
C PRO A 140 6.88 -5.31 -20.43
N GLN A 141 5.80 -4.56 -20.18
CA GLN A 141 5.72 -3.68 -19.01
C GLN A 141 5.71 -4.46 -17.70
N LYS A 142 6.61 -4.09 -16.79
CA LYS A 142 6.53 -4.59 -15.41
C LYS A 142 5.35 -3.94 -14.70
N LEU A 143 4.48 -4.78 -14.14
CA LEU A 143 3.33 -4.31 -13.36
C LEU A 143 3.61 -4.29 -11.85
N LEU A 144 4.50 -5.16 -11.40
CA LEU A 144 4.99 -5.15 -10.02
C LEU A 144 6.49 -5.27 -10.07
N LYS A 145 7.19 -4.50 -9.22
CA LYS A 145 8.65 -4.54 -9.21
C LYS A 145 9.22 -4.26 -7.83
N VAL A 146 10.17 -5.08 -7.42
CA VAL A 146 10.95 -4.81 -6.21
C VAL A 146 11.96 -3.72 -6.55
N ILE A 147 11.95 -2.64 -5.77
CA ILE A 147 12.81 -1.47 -6.02
C ILE A 147 13.67 -1.20 -4.77
N LYS A 148 14.59 -0.24 -4.87
CA LYS A 148 15.57 0.01 -3.79
C LYS A 148 15.00 0.87 -2.70
N ASN A 149 15.16 0.45 -1.45
CA ASN A 149 14.95 1.33 -0.29
C ASN A 149 15.93 2.52 -0.30
N PRO A 150 15.61 3.64 0.37
CA PRO A 150 14.35 3.86 1.09
C PRO A 150 13.29 4.37 0.15
N VAL A 151 12.02 4.15 0.51
CA VAL A 151 10.91 4.59 -0.32
C VAL A 151 10.93 6.12 -0.53
N SER A 152 11.43 6.85 0.46
CA SER A 152 11.51 8.31 0.39
C SER A 152 12.35 8.84 -0.78
N ASP A 153 13.33 8.06 -1.24
CA ASP A 153 14.11 8.44 -2.45
C ASP A 153 13.25 8.47 -3.73
N HIS A 154 12.09 7.81 -3.71
CA HIS A 154 11.24 7.70 -4.88
C HIS A 154 10.14 8.73 -4.93
N PHE A 155 9.97 9.53 -3.88
CA PHE A 155 8.93 10.56 -3.86
C PHE A 155 9.35 11.75 -4.73
N PRO A 156 8.39 12.41 -5.39
CA PRO A 156 8.73 13.62 -6.15
C PRO A 156 9.04 14.81 -5.22
N VAL A 157 9.69 15.83 -5.78
N VAL A 157 9.70 15.84 -5.78
CA VAL A 157 9.97 17.05 -5.06
CA VAL A 157 9.95 17.07 -5.04
C VAL A 157 8.68 17.78 -4.70
C VAL A 157 8.65 17.75 -4.67
N GLY A 158 8.69 18.50 -3.58
CA GLY A 158 7.57 19.36 -3.19
C GLY A 158 6.40 18.58 -2.64
N CYS A 159 6.72 17.57 -1.85
CA CYS A 159 5.82 16.53 -1.43
C CYS A 159 5.78 16.49 0.12
N MET A 160 4.62 16.77 0.72
CA MET A 160 4.44 16.54 2.17
C MET A 160 4.29 15.03 2.41
N LYS A 161 4.70 14.57 3.61
CA LYS A 161 4.58 13.15 3.99
C LYS A 161 3.84 13.04 5.31
N VAL A 162 2.72 12.30 5.27
CA VAL A 162 1.82 12.18 6.41
C VAL A 162 1.66 10.70 6.79
N GLY A 163 1.81 10.39 8.07
CA GLY A 163 1.49 9.06 8.58
C GLY A 163 0.10 9.07 9.20
N THR A 164 -0.52 7.88 9.29
CA THR A 164 -1.86 7.76 9.84
C THR A 164 -1.86 6.84 11.07
N SER A 165 -2.59 7.23 12.10
CA SER A 165 -2.73 6.42 13.30
C SER A 165 -3.95 6.84 14.09
N PHE A 166 -4.69 5.84 14.56
CA PHE A 166 -5.80 6.02 15.47
C PHE A 166 -5.37 6.69 16.80
N SER A 167 -4.12 6.49 17.21
CA SER A 167 -3.62 7.02 18.50
C SER A 167 -3.48 8.56 18.58
N ILE A 168 -3.56 9.26 17.46
CA ILE A 168 -3.49 10.73 17.47
C ILE A 168 -4.80 11.31 18.05
N PRO A 169 -4.70 12.11 19.14
CA PRO A 169 -5.91 12.47 19.88
C PRO A 169 -6.88 13.42 19.16
N VAL A 170 -6.37 14.25 18.25
CA VAL A 170 -7.24 15.11 17.45
C VAL A 170 -7.48 14.46 16.09
N VAL A 171 -8.74 14.40 15.67
CA VAL A 171 -9.11 13.85 14.38
C VAL A 171 -9.07 14.93 13.30
N SER A 172 -8.44 14.62 12.17
CA SER A 172 -8.38 15.53 11.03
C SER A 172 -9.46 15.21 10.03
N ASP A 173 -10.04 16.24 9.40
CA ASP A 173 -10.85 16.07 8.18
C ASP A 173 -9.89 15.89 7.03
N VAL A 174 -10.05 14.80 6.30
CA VAL A 174 -9.10 14.43 5.27
C VAL A 174 -9.11 15.44 4.13
N ARG A 175 -10.28 15.94 3.78
CA ARG A 175 -10.38 16.93 2.69
C ARG A 175 -9.52 18.19 2.96
N GLU A 176 -9.40 18.57 4.23
CA GLU A 176 -8.57 19.72 4.63
C GLU A 176 -7.07 19.44 4.53
N LEU A 177 -6.70 18.16 4.41
CA LEU A 177 -5.31 17.76 4.22
C LEU A 177 -4.88 17.69 2.74
N VAL A 178 -5.83 17.77 1.81
CA VAL A 178 -5.53 17.61 0.39
C VAL A 178 -4.95 18.91 -0.16
N PRO A 179 -3.71 18.84 -0.68
CA PRO A 179 -3.18 20.07 -1.29
C PRO A 179 -3.82 20.32 -2.64
N SER A 180 -3.94 21.60 -3.00
N SER A 180 -3.94 21.59 -3.00
CA SER A 180 -4.61 21.96 -4.25
CA SER A 180 -4.60 21.98 -4.25
C SER A 180 -3.83 21.51 -5.48
C SER A 180 -3.83 21.50 -5.47
N SER A 181 -2.50 21.63 -5.42
CA SER A 181 -1.65 21.40 -6.61
C SER A 181 -0.35 20.61 -6.39
N ASP A 182 -0.15 20.04 -5.19
CA ASP A 182 1.10 19.33 -4.88
C ASP A 182 0.88 17.82 -4.76
N PRO A 183 1.94 17.03 -5.02
CA PRO A 183 1.91 15.63 -4.59
C PRO A 183 1.96 15.51 -3.07
N ILE A 184 1.46 14.41 -2.53
CA ILE A 184 1.48 14.17 -1.09
C ILE A 184 1.50 12.66 -0.83
N VAL A 185 2.23 12.26 0.22
CA VAL A 185 2.34 10.87 0.64
C VAL A 185 1.52 10.64 1.89
N PHE A 186 0.73 9.56 1.87
CA PHE A 186 0.09 9.04 3.09
C PHE A 186 0.59 7.63 3.35
N VAL A 187 1.00 7.39 4.59
CA VAL A 187 1.49 6.10 5.02
C VAL A 187 0.40 5.41 5.88
N VAL A 188 -0.01 4.21 5.43
CA VAL A 188 -1.07 3.42 6.05
C VAL A 188 -0.48 2.09 6.48
N GLY A 189 -0.68 1.71 7.75
CA GLY A 189 -0.14 0.44 8.23
C GLY A 189 -0.88 -0.74 7.60
N ALA A 190 -0.13 -1.76 7.19
CA ALA A 190 -0.69 -2.97 6.61
C ALA A 190 -0.35 -4.21 7.46
N PHE A 191 0.10 -3.98 8.69
CA PHE A 191 0.44 -5.05 9.63
C PHE A 191 -0.83 -5.51 10.34
N ALA A 192 -0.79 -6.70 10.92
CA ALA A 192 -1.85 -7.15 11.82
C ALA A 192 -2.00 -6.22 13.03
N HIS A 193 -0.87 -5.87 13.65
CA HIS A 193 -0.84 -4.99 14.81
C HIS A 193 0.41 -4.15 14.77
N GLY A 194 0.30 -2.91 15.22
CA GLY A 194 1.46 -2.01 15.28
C GLY A 194 1.06 -0.56 15.11
N LYS A 195 2.04 0.29 14.85
CA LYS A 195 1.81 1.71 14.62
C LYS A 195 2.80 2.18 13.56
N VAL A 196 2.31 2.96 12.61
CA VAL A 196 3.18 3.52 11.57
C VAL A 196 4.21 4.38 12.26
N SER A 197 5.49 4.06 12.04
CA SER A 197 6.58 4.82 12.60
C SER A 197 7.75 4.78 11.64
N VAL A 198 7.84 5.79 10.79
CA VAL A 198 8.87 5.87 9.76
C VAL A 198 9.58 7.22 9.84
N GLU A 199 10.78 7.29 9.27
CA GLU A 199 11.66 8.44 9.43
C GLU A 199 11.20 9.66 8.64
N TYR A 200 10.47 9.44 7.56
CA TYR A 200 10.24 10.46 6.57
C TYR A 200 8.94 11.26 6.71
N THR A 201 8.02 10.82 7.60
CA THR A 201 6.78 11.57 7.78
C THR A 201 7.03 12.87 8.55
N GLU A 202 6.33 13.92 8.17
CA GLU A 202 6.42 15.22 8.82
C GLU A 202 5.31 15.42 9.84
N LYS A 203 4.25 14.63 9.76
CA LYS A 203 3.21 14.63 10.76
C LYS A 203 2.41 13.36 10.73
N MET A 204 1.66 13.17 11.80
CA MET A 204 0.80 12.00 11.97
C MET A 204 -0.61 12.49 12.19
N VAL A 205 -1.59 11.86 11.55
CA VAL A 205 -2.98 12.23 11.73
C VAL A 205 -3.86 11.03 12.03
N SER A 206 -4.91 11.29 12.80
CA SER A 206 -6.07 10.40 12.89
C SER A 206 -7.13 10.92 11.97
N ILE A 207 -7.90 10.00 11.38
CA ILE A 207 -8.98 10.37 10.50
C ILE A 207 -10.34 9.89 11.02
N SER A 208 -10.35 9.33 12.22
CA SER A 208 -11.59 8.79 12.83
C SER A 208 -11.40 8.57 14.31
N ASN A 209 -12.50 8.71 15.05
CA ASN A 209 -12.53 8.30 16.45
C ASN A 209 -12.67 6.78 16.65
N TYR A 210 -12.78 6.03 15.54
CA TYR A 210 -12.81 4.58 15.57
C TYR A 210 -11.53 4.01 14.97
N PRO A 211 -11.07 2.87 15.51
CA PRO A 211 -9.98 2.17 14.84
C PRO A 211 -10.49 1.46 13.60
N LEU A 212 -9.93 1.79 12.45
CA LEU A 212 -10.39 1.29 11.16
C LEU A 212 -9.48 0.22 10.59
N SER A 213 -9.99 -0.52 9.62
CA SER A 213 -9.14 -1.39 8.82
C SER A 213 -8.28 -0.52 7.91
N ALA A 214 -7.13 -1.05 7.52
CA ALA A 214 -6.29 -0.42 6.51
C ALA A 214 -7.10 -0.19 5.24
N ALA A 215 -7.91 -1.18 4.87
CA ALA A 215 -8.65 -1.12 3.59
C ALA A 215 -9.69 0.01 3.58
N LEU A 216 -10.41 0.15 4.68
CA LEU A 216 -11.36 1.26 4.81
C LEU A 216 -10.63 2.59 4.89
N THR A 217 -9.48 2.61 5.58
CA THR A 217 -8.67 3.82 5.58
C THR A 217 -8.31 4.25 4.15
N CYS A 218 -7.90 3.30 3.32
CA CYS A 218 -7.55 3.56 1.92
C CYS A 218 -8.75 4.06 1.10
N ALA A 219 -9.91 3.41 1.27
CA ALA A 219 -11.14 3.86 0.61
C ALA A 219 -11.49 5.31 1.02
N LYS A 220 -11.31 5.64 2.30
CA LYS A 220 -11.59 6.98 2.81
C LYS A 220 -10.62 8.02 2.25
N LEU A 221 -9.33 7.70 2.23
CA LEU A 221 -8.34 8.64 1.69
C LEU A 221 -8.61 8.93 0.22
N THR A 222 -8.78 7.89 -0.59
CA THR A 222 -9.00 8.07 -2.02
C THR A 222 -10.30 8.85 -2.27
N THR A 223 -11.35 8.56 -1.51
CA THR A 223 -12.63 9.25 -1.65
C THR A 223 -12.48 10.77 -1.37
N ALA A 224 -11.77 11.11 -0.30
CA ALA A 224 -11.57 12.51 0.06
C ALA A 224 -10.77 13.25 -1.02
N PHE A 225 -9.72 12.61 -1.52
CA PHE A 225 -8.88 13.23 -2.57
C PHE A 225 -9.66 13.40 -3.87
N GLU A 226 -10.48 12.42 -4.22
CA GLU A 226 -11.38 12.50 -5.36
C GLU A 226 -12.29 13.72 -5.29
N GLU A 227 -12.87 13.97 -4.13
CA GLU A 227 -13.75 15.12 -3.96
C GLU A 227 -12.98 16.44 -4.20
N VAL A 228 -11.86 16.61 -3.53
CA VAL A 228 -11.11 17.87 -3.59
C VAL A 228 -10.55 18.12 -5.01
N TRP A 229 -10.11 17.06 -5.68
CA TRP A 229 -9.49 17.18 -7.00
C TRP A 229 -10.46 17.02 -8.15
N GLY A 230 -11.74 16.90 -7.84
CA GLY A 230 -12.78 16.94 -8.83
C GLY A 230 -12.93 15.70 -9.66
N VAL A 231 -12.56 14.54 -9.10
CA VAL A 231 -12.76 13.25 -9.74
C VAL A 231 -14.10 12.73 -9.28
N ILE A 232 -15.06 12.72 -10.20
N ILE A 232 -15.03 12.53 -10.21
CA ILE A 232 -16.42 12.27 -9.93
CA ILE A 232 -16.38 12.11 -9.88
C ILE A 232 -16.81 11.36 -11.09
C ILE A 232 -16.60 10.64 -10.28
#